data_5HO4
#
_entry.id   5HO4
#
_cell.length_a   109.604
_cell.length_b   38.959
_cell.length_c   70.442
_cell.angle_alpha   90.00
_cell.angle_beta   116.26
_cell.angle_gamma   90.00
#
_symmetry.space_group_name_H-M   'C 1 2 1'
#
loop_
_entity.id
_entity.type
_entity.pdbx_description
1 polymer 'Heterogeneous nuclear ribonucleoproteins A2/B1'
2 polymer "RNA (5'-R(*AP*AP*GP*GP*AP*CP*UP*AP*GP*C)-3')"
3 water water
#
loop_
_entity_poly.entity_id
_entity_poly.type
_entity_poly.pdbx_seq_one_letter_code
_entity_poly.pdbx_strand_id
1 'polypeptide(L)'
;REKEQFRKLFIGGLSFETTEESLRNYYEQWGKLTDCVVMRDPASKRSRGFGFVTFSSMAEVDAAMAARPHSIDGRVVEPK
RAVAREESGKPGAHVTVKKLFVGGIKEDTEEHHLRDYFEEYGKIDTIEIITDRQSGKKRGFGFVTFDDHDPVDKIVLQKY
HTINGHNAEVRKALSRQEM
;
A
2 'polyribonucleotide' AAGGACUAGC B
#
loop_
_chem_comp.id
_chem_comp.type
_chem_comp.name
_chem_comp.formula
A RNA linking ADENOSINE-5'-MONOPHOSPHATE 'C10 H14 N5 O7 P'
C RNA linking CYTIDINE-5'-MONOPHOSPHATE 'C9 H14 N3 O8 P'
G RNA linking GUANOSINE-5'-MONOPHOSPHATE 'C10 H14 N5 O8 P'
U RNA linking URIDINE-5'-MONOPHOSPHATE 'C9 H13 N2 O9 P'
#
# COMPACT_ATOMS: atom_id res chain seq x y z
N ARG A 1 -16.08 -13.46 2.17
CA ARG A 1 -15.64 -12.03 2.04
C ARG A 1 -14.39 -11.73 2.89
N GLU A 2 -13.59 -10.80 2.43
CA GLU A 2 -12.30 -10.52 3.01
C GLU A 2 -12.44 -9.40 4.06
N LYS A 3 -11.42 -9.26 4.89
CA LYS A 3 -11.39 -8.22 5.89
C LYS A 3 -11.50 -6.85 5.25
N GLU A 4 -12.24 -5.97 5.91
CA GLU A 4 -12.51 -4.65 5.39
C GLU A 4 -11.23 -3.86 5.14
N GLN A 5 -10.24 -3.95 6.03
CA GLN A 5 -8.97 -3.24 5.78
C GLN A 5 -8.28 -3.59 4.44
N PHE A 6 -8.49 -4.80 3.98
CA PHE A 6 -7.94 -5.26 2.74
C PHE A 6 -8.74 -4.82 1.47
N ARG A 7 -9.87 -4.18 1.69
CA ARG A 7 -10.78 -3.72 0.62
C ARG A 7 -10.91 -2.20 0.48
N LYS A 8 -10.16 -1.46 1.30
CA LYS A 8 -10.37 -0.08 1.52
C LYS A 8 -9.25 0.77 0.92
N LEU A 9 -9.64 1.83 0.20
CA LEU A 9 -8.73 2.83 -0.21
C LEU A 9 -9.00 4.18 0.45
N PHE A 10 -7.93 4.88 0.81
CA PHE A 10 -7.90 6.32 1.13
C PHE A 10 -7.81 7.04 -0.20
N ILE A 11 -8.62 8.08 -0.37
CA ILE A 11 -8.61 8.85 -1.62
C ILE A 11 -8.30 10.32 -1.24
N GLY A 12 -7.09 10.76 -1.56
CA GLY A 12 -6.56 12.07 -1.21
C GLY A 12 -6.68 13.07 -2.35
N GLY A 13 -6.75 14.34 -2.01
CA GLY A 13 -6.77 15.40 -3.05
C GLY A 13 -8.04 15.54 -3.87
N LEU A 14 -9.17 15.25 -3.24
CA LEU A 14 -10.44 15.50 -3.78
C LEU A 14 -10.63 16.99 -3.96
N SER A 15 -11.32 17.32 -5.05
CA SER A 15 -11.94 18.64 -5.16
C SER A 15 -12.92 18.83 -4.02
N PHE A 16 -13.03 20.06 -3.54
CA PHE A 16 -14.02 20.40 -2.49
C PHE A 16 -15.42 20.25 -2.98
N GLU A 17 -15.62 20.21 -4.28
CA GLU A 17 -16.91 19.89 -4.89
C GLU A 17 -17.32 18.45 -4.87
N THR A 18 -16.37 17.54 -4.80
CA THR A 18 -16.70 16.08 -4.89
C THR A 18 -17.57 15.60 -3.76
N THR A 19 -18.61 14.87 -4.09
CA THR A 19 -19.54 14.32 -3.14
C THR A 19 -19.43 12.80 -3.08
N GLU A 20 -20.13 12.19 -2.14
CA GLU A 20 -20.16 10.71 -2.01
C GLU A 20 -20.75 10.08 -3.22
N GLU A 21 -21.78 10.71 -3.80
CA GLU A 21 -22.35 10.20 -5.11
C GLU A 21 -21.36 10.20 -6.27
N SER A 22 -20.59 11.27 -6.44
CA SER A 22 -19.61 11.34 -7.53
C SER A 22 -18.34 10.45 -7.30
N LEU A 23 -17.86 10.40 -6.08
CA LEU A 23 -16.84 9.39 -5.67
C LEU A 23 -17.32 7.93 -5.87
N ARG A 24 -18.56 7.62 -5.43
CA ARG A 24 -19.17 6.28 -5.62
C ARG A 24 -19.33 5.92 -7.08
N ASN A 25 -19.94 6.83 -7.84
CA ASN A 25 -20.05 6.67 -9.31
C ASN A 25 -18.73 6.36 -10.00
N TYR A 26 -17.66 7.07 -9.62
CA TYR A 26 -16.38 6.88 -10.23
C TYR A 26 -15.80 5.52 -9.88
N TYR A 27 -15.75 5.20 -8.60
CA TYR A 27 -15.03 3.97 -8.19
C TYR A 27 -15.83 2.71 -8.46
N GLU A 28 -17.16 2.86 -8.61
CA GLU A 28 -18.04 1.75 -8.96
C GLU A 28 -17.73 1.25 -10.34
N GLN A 29 -16.91 1.91 -11.16
CA GLN A 29 -16.51 1.31 -12.43
C GLN A 29 -15.59 0.08 -12.27
N TRP A 30 -14.97 -0.13 -11.09
CA TRP A 30 -14.14 -1.33 -10.86
C TRP A 30 -14.77 -2.38 -9.91
N GLY A 31 -15.99 -2.17 -9.47
CA GLY A 31 -16.69 -3.08 -8.57
C GLY A 31 -17.74 -2.42 -7.71
N LYS A 32 -18.35 -3.21 -6.83
CA LYS A 32 -19.39 -2.78 -5.92
C LYS A 32 -18.66 -2.15 -4.71
N LEU A 33 -19.11 -0.99 -4.27
CA LEU A 33 -18.65 -0.37 -3.02
C LEU A 33 -19.59 -0.69 -1.88
N THR A 34 -19.04 -1.20 -0.81
CA THR A 34 -19.83 -1.44 0.36
C THR A 34 -19.87 -0.14 1.26
N ASP A 35 -19.00 0.84 1.02
CA ASP A 35 -18.89 2.07 1.82
C ASP A 35 -18.16 3.10 1.00
N CYS A 36 -18.62 4.32 1.11
CA CYS A 36 -18.07 5.41 0.39
C CYS A 36 -18.26 6.65 1.32
N VAL A 37 -17.21 7.41 1.62
CA VAL A 37 -17.32 8.59 2.47
C VAL A 37 -16.41 9.70 2.02
N VAL A 38 -16.93 10.94 2.08
CA VAL A 38 -16.11 12.14 1.87
C VAL A 38 -16.09 12.81 3.26
N MET A 39 -14.91 13.05 3.78
CA MET A 39 -14.80 13.66 5.07
C MET A 39 -15.09 15.17 5.00
N ARG A 40 -15.89 15.63 5.93
CA ARG A 40 -16.42 17.00 5.94
CA ARG A 40 -16.33 17.02 5.97
C ARG A 40 -16.20 17.61 7.34
N ASP A 41 -16.05 18.95 7.40
CA ASP A 41 -16.00 19.66 8.66
C ASP A 41 -17.36 19.48 9.32
N PRO A 42 -17.39 19.12 10.62
CA PRO A 42 -18.71 18.89 11.20
C PRO A 42 -19.66 20.12 11.28
N ALA A 43 -19.15 21.32 11.34
CA ALA A 43 -20.09 22.47 11.43
C ALA A 43 -20.33 23.07 10.07
N SER A 44 -19.27 23.34 9.30
CA SER A 44 -19.44 23.98 8.02
C SER A 44 -19.87 23.01 6.94
N LYS A 45 -19.62 21.70 7.13
CA LYS A 45 -19.84 20.73 6.05
C LYS A 45 -19.01 20.96 4.79
N ARG A 46 -17.94 21.73 4.94
CA ARG A 46 -16.92 21.93 3.94
C ARG A 46 -16.10 20.64 3.84
N SER A 47 -15.82 20.21 2.61
CA SER A 47 -15.02 19.00 2.41
C SER A 47 -13.63 19.22 2.97
N ARG A 48 -13.09 18.20 3.63
CA ARG A 48 -11.73 18.16 4.02
C ARG A 48 -10.78 17.70 2.90
N GLY A 49 -11.32 17.40 1.73
CA GLY A 49 -10.44 17.06 0.60
C GLY A 49 -9.92 15.63 0.51
N PHE A 50 -10.48 14.73 1.30
CA PHE A 50 -10.20 13.31 1.21
C PHE A 50 -11.43 12.50 1.58
N GLY A 51 -11.37 11.24 1.24
CA GLY A 51 -12.39 10.29 1.67
C GLY A 51 -11.89 8.86 1.56
N PHE A 52 -12.81 7.92 1.67
CA PHE A 52 -12.49 6.46 1.60
C PHE A 52 -13.54 5.76 0.78
N VAL A 53 -13.08 4.78 0.01
CA VAL A 53 -14.01 3.89 -0.63
C VAL A 53 -13.65 2.46 -0.22
N THR A 54 -14.65 1.61 -0.07
CA THR A 54 -14.43 0.27 0.34
C THR A 54 -15.13 -0.65 -0.71
N PHE A 55 -14.37 -1.49 -1.36
CA PHE A 55 -14.88 -2.40 -2.36
C PHE A 55 -15.41 -3.68 -1.74
N SER A 56 -16.12 -4.50 -2.53
CA SER A 56 -16.59 -5.77 -1.97
C SER A 56 -15.48 -6.86 -1.92
N SER A 57 -14.38 -6.70 -2.64
CA SER A 57 -13.27 -7.63 -2.62
C SER A 57 -11.95 -6.94 -2.86
N MET A 58 -10.87 -7.58 -2.43
CA MET A 58 -9.53 -7.06 -2.69
C MET A 58 -9.19 -7.09 -4.17
N ALA A 59 -9.69 -8.07 -4.92
CA ALA A 59 -9.50 -8.07 -6.38
C ALA A 59 -10.05 -6.77 -7.07
N GLU A 60 -11.19 -6.25 -6.57
CA GLU A 60 -11.71 -4.97 -7.06
C GLU A 60 -10.79 -3.83 -6.77
N VAL A 61 -10.26 -3.76 -5.54
CA VAL A 61 -9.26 -2.79 -5.24
C VAL A 61 -8.07 -2.85 -6.20
N ASP A 62 -7.56 -4.07 -6.43
CA ASP A 62 -6.40 -4.20 -7.32
C ASP A 62 -6.70 -3.72 -8.72
N ALA A 63 -7.90 -4.04 -9.19
CA ALA A 63 -8.40 -3.59 -10.53
C ALA A 63 -8.44 -2.04 -10.62
N ALA A 64 -8.93 -1.38 -9.58
CA ALA A 64 -8.88 0.08 -9.57
C ALA A 64 -7.46 0.62 -9.55
N MET A 65 -6.60 0.08 -8.66
CA MET A 65 -5.24 0.55 -8.61
C MET A 65 -4.40 0.26 -9.89
N ALA A 66 -4.74 -0.79 -10.63
CA ALA A 66 -4.11 -1.07 -11.94
C ALA A 66 -4.52 -0.05 -13.01
N ALA A 67 -5.58 0.70 -12.76
CA ALA A 67 -6.09 1.71 -13.68
C ALA A 67 -5.81 3.15 -13.26
N ARG A 68 -4.80 3.37 -12.41
CA ARG A 68 -4.33 4.73 -12.13
C ARG A 68 -3.74 5.34 -13.42
N PRO A 69 -3.71 6.67 -13.61
CA PRO A 69 -4.20 7.65 -12.63
C PRO A 69 -5.70 7.81 -12.62
N HIS A 70 -6.20 8.29 -11.47
CA HIS A 70 -7.61 8.48 -11.26
C HIS A 70 -7.85 9.98 -11.23
N SER A 71 -8.94 10.40 -11.83
CA SER A 71 -9.34 11.82 -11.72
C SER A 71 -10.82 11.91 -11.55
N ILE A 72 -11.24 12.84 -10.70
CA ILE A 72 -12.67 13.00 -10.37
C ILE A 72 -12.88 14.51 -10.24
N ASP A 73 -13.97 15.00 -10.82
CA ASP A 73 -14.30 16.42 -10.81
C ASP A 73 -13.15 17.31 -11.16
N GLY A 74 -12.40 16.90 -12.18
CA GLY A 74 -11.27 17.66 -12.68
C GLY A 74 -9.96 17.68 -11.88
N ARG A 75 -9.87 16.88 -10.81
CA ARG A 75 -8.61 16.77 -10.06
C ARG A 75 -8.06 15.37 -10.18
N VAL A 76 -6.75 15.24 -10.25
CA VAL A 76 -6.05 13.98 -10.22
C VAL A 76 -6.00 13.64 -8.70
N VAL A 77 -6.69 12.57 -8.35
CA VAL A 77 -6.84 12.16 -6.95
C VAL A 77 -5.67 11.21 -6.61
N GLU A 78 -5.46 10.95 -5.32
CA GLU A 78 -4.31 10.19 -4.85
C GLU A 78 -4.81 9.00 -4.00
N PRO A 79 -5.14 7.90 -4.66
CA PRO A 79 -5.60 6.73 -3.97
C PRO A 79 -4.43 5.99 -3.32
N LYS A 80 -4.69 5.41 -2.17
CA LYS A 80 -3.70 4.65 -1.48
C LYS A 80 -4.41 3.61 -0.63
N ARG A 81 -3.80 2.46 -0.49
CA ARG A 81 -4.37 1.44 0.40
C ARG A 81 -4.49 2.08 1.75
N ALA A 82 -5.64 1.90 2.36
CA ALA A 82 -5.90 2.47 3.65
C ALA A 82 -5.02 1.90 4.76
N VAL A 83 -4.40 2.80 5.50
CA VAL A 83 -3.61 2.44 6.69
C VAL A 83 -4.54 2.43 7.94
N ALA A 84 -4.59 1.31 8.63
CA ALA A 84 -5.46 1.12 9.78
C ALA A 84 -5.18 2.20 10.82
N ARG A 85 -6.23 2.69 11.42
CA ARG A 85 -6.15 3.76 12.42
C ARG A 85 -5.15 3.41 13.58
N GLU A 86 -5.09 2.15 14.02
CA GLU A 86 -4.12 1.67 14.99
C GLU A 86 -2.68 1.98 14.54
N GLU A 87 -2.43 1.82 13.24
CA GLU A 87 -1.08 2.06 12.65
C GLU A 87 -0.74 3.51 12.43
N SER A 88 -1.75 4.38 12.34
CA SER A 88 -1.52 5.73 11.91
C SER A 88 -0.87 6.35 13.13
N GLY A 89 0.11 7.21 12.89
CA GLY A 89 0.88 7.72 14.03
C GLY A 89 2.13 6.93 14.39
N LYS A 90 2.25 5.65 14.00
CA LYS A 90 3.56 4.96 14.04
C LYS A 90 4.55 5.45 12.98
N PRO A 91 5.85 5.41 13.29
CA PRO A 91 6.84 5.99 12.39
C PRO A 91 6.81 5.32 11.00
N GLY A 92 6.65 6.15 9.95
CA GLY A 92 6.56 5.66 8.57
C GLY A 92 5.20 5.11 8.12
N ALA A 93 4.20 5.14 8.99
CA ALA A 93 2.88 4.54 8.65
C ALA A 93 2.27 5.06 7.35
N HIS A 94 2.43 6.38 7.07
CA HIS A 94 1.89 6.96 5.82
C HIS A 94 2.94 7.30 4.76
N VAL A 95 4.14 6.76 4.85
CA VAL A 95 5.12 7.07 3.83
C VAL A 95 4.79 6.46 2.51
N THR A 96 5.17 7.11 1.45
CA THR A 96 5.01 6.60 0.12
C THR A 96 6.37 6.28 -0.41
N VAL A 97 6.67 4.96 -0.56
CA VAL A 97 7.97 4.49 -0.99
C VAL A 97 7.81 3.27 -1.87
N LYS A 98 8.80 3.09 -2.74
CA LYS A 98 8.79 1.99 -3.71
C LYS A 98 9.60 0.80 -3.19
N LYS A 99 10.17 0.96 -2.02
CA LYS A 99 11.15 0.02 -1.51
C LYS A 99 10.60 -0.66 -0.27
N LEU A 100 10.81 -1.98 -0.23
CA LEU A 100 10.32 -2.83 0.87
C LEU A 100 11.52 -3.53 1.54
N PHE A 101 11.60 -3.44 2.86
CA PHE A 101 12.45 -4.28 3.73
C PHE A 101 11.80 -5.62 3.99
N VAL A 102 12.58 -6.69 3.82
CA VAL A 102 12.20 -8.06 4.06
C VAL A 102 13.22 -8.64 5.07
N GLY A 103 12.76 -8.93 6.29
CA GLY A 103 13.58 -9.50 7.34
C GLY A 103 13.15 -10.88 7.73
N GLY A 104 14.00 -11.53 8.52
CA GLY A 104 13.75 -12.89 8.96
C GLY A 104 14.06 -13.91 7.92
N ILE A 105 14.86 -13.56 6.92
CA ILE A 105 15.14 -14.48 5.85
C ILE A 105 16.46 -15.27 6.04
N LYS A 106 17.13 -15.03 7.15
CA LYS A 106 18.37 -15.76 7.55
C LYS A 106 19.43 -15.80 6.47
N GLU A 107 20.18 -16.91 6.41
CA GLU A 107 21.37 -16.99 5.54
C GLU A 107 21.24 -17.77 4.27
N ASP A 108 20.14 -18.45 4.02
CA ASP A 108 20.01 -19.31 2.83
C ASP A 108 19.05 -18.67 1.81
N THR A 109 18.58 -17.45 2.09
CA THR A 109 17.69 -16.76 1.16
C THR A 109 18.48 -15.84 0.20
N GLU A 110 18.26 -16.07 -1.09
CA GLU A 110 18.93 -15.40 -2.18
C GLU A 110 17.96 -14.42 -2.87
N GLU A 111 18.54 -13.64 -3.72
CA GLU A 111 17.85 -12.69 -4.59
C GLU A 111 16.74 -13.36 -5.36
N HIS A 112 17.02 -14.51 -5.97
CA HIS A 112 15.99 -15.22 -6.72
C HIS A 112 14.77 -15.70 -5.89
N HIS A 113 14.96 -15.97 -4.62
CA HIS A 113 13.81 -16.33 -3.78
C HIS A 113 12.94 -15.09 -3.59
N LEU A 114 13.53 -13.94 -3.34
CA LEU A 114 12.74 -12.69 -3.23
C LEU A 114 12.07 -12.30 -4.51
N ARG A 115 12.73 -12.53 -5.64
CA ARG A 115 12.09 -12.32 -6.93
C ARG A 115 10.87 -13.18 -7.14
N ASP A 116 11.03 -14.48 -6.96
CA ASP A 116 9.97 -15.40 -7.21
C ASP A 116 8.74 -15.11 -6.32
N TYR A 117 8.98 -14.84 -5.03
CA TYR A 117 7.89 -14.49 -4.10
C TYR A 117 7.22 -13.15 -4.45
N PHE A 118 8.01 -12.11 -4.72
CA PHE A 118 7.43 -10.75 -4.83
C PHE A 118 6.97 -10.28 -6.20
N GLU A 119 7.42 -10.92 -7.26
CA GLU A 119 7.09 -10.40 -8.59
C GLU A 119 5.61 -10.54 -8.92
N GLU A 120 4.85 -11.44 -8.28
CA GLU A 120 3.42 -11.35 -8.47
C GLU A 120 2.77 -10.05 -7.97
N TYR A 121 3.42 -9.30 -7.07
CA TYR A 121 2.80 -8.10 -6.53
C TYR A 121 3.04 -6.87 -7.41
N GLY A 122 4.07 -6.91 -8.23
CA GLY A 122 4.33 -5.85 -9.17
C GLY A 122 5.68 -5.98 -9.82
N LYS A 123 5.98 -5.01 -10.68
CA LYS A 123 7.22 -4.97 -11.40
C LYS A 123 8.36 -4.60 -10.46
N ILE A 124 9.35 -5.48 -10.38
CA ILE A 124 10.52 -5.26 -9.53
C ILE A 124 11.66 -4.55 -10.30
N ASP A 125 12.17 -3.47 -9.77
CA ASP A 125 13.32 -2.86 -10.41
C ASP A 125 14.64 -3.35 -9.84
N THR A 126 14.76 -3.47 -8.52
CA THR A 126 16.02 -3.98 -7.94
C THR A 126 15.74 -4.83 -6.66
N ILE A 127 16.61 -5.82 -6.42
CA ILE A 127 16.61 -6.64 -5.19
C ILE A 127 18.01 -6.61 -4.60
N GLU A 128 18.11 -6.36 -3.30
CA GLU A 128 19.40 -6.30 -2.60
C GLU A 128 19.35 -7.22 -1.37
N ILE A 129 20.11 -8.33 -1.36
CA ILE A 129 20.34 -9.12 -0.12
C ILE A 129 21.53 -8.54 0.69
N ILE A 130 21.35 -8.18 1.96
CA ILE A 130 22.36 -7.49 2.67
C ILE A 130 23.33 -8.56 3.26
N THR A 131 24.62 -8.35 3.04
CA THR A 131 25.70 -9.20 3.61
C THR A 131 26.63 -8.36 4.52
N ASP A 132 27.26 -9.03 5.49
CA ASP A 132 28.21 -8.41 6.41
C ASP A 132 29.47 -8.16 5.51
N ARG A 133 29.96 -6.93 5.48
CA ARG A 133 31.14 -6.58 4.63
C ARG A 133 32.39 -7.40 5.03
N GLN A 134 32.54 -7.66 6.34
CA GLN A 134 33.72 -8.38 6.83
C GLN A 134 33.67 -9.87 6.59
N SER A 135 32.60 -10.53 7.01
CA SER A 135 32.52 -12.00 6.94
C SER A 135 32.01 -12.53 5.63
N GLY A 136 31.36 -11.71 4.84
CA GLY A 136 30.72 -12.16 3.63
C GLY A 136 29.31 -12.73 3.80
N LYS A 137 28.90 -12.97 5.04
CA LYS A 137 27.70 -13.74 5.29
C LYS A 137 26.46 -12.86 5.22
N LYS A 138 25.40 -13.46 4.68
CA LYS A 138 24.10 -12.81 4.60
C LYS A 138 23.67 -12.41 6.01
N ARG A 139 23.14 -11.20 6.19
CA ARG A 139 22.70 -10.73 7.50
C ARG A 139 21.19 -10.99 7.87
N GLY A 140 20.43 -11.62 6.98
CA GLY A 140 19.04 -12.01 7.28
C GLY A 140 17.96 -11.01 6.88
N PHE A 141 18.28 -10.13 5.96
CA PHE A 141 17.35 -9.19 5.41
C PHE A 141 17.80 -8.65 4.08
N GLY A 142 16.84 -8.05 3.38
CA GLY A 142 17.00 -7.58 2.03
C GLY A 142 15.99 -6.50 1.72
N PHE A 143 16.14 -5.89 0.55
CA PHE A 143 15.22 -4.84 0.07
C PHE A 143 14.79 -5.14 -1.33
N VAL A 144 13.48 -4.94 -1.60
CA VAL A 144 12.92 -5.15 -2.92
C VAL A 144 12.37 -3.78 -3.31
N THR A 145 12.81 -3.26 -4.46
CA THR A 145 12.38 -1.95 -5.00
C THR A 145 11.54 -2.22 -6.19
N PHE A 146 10.30 -1.74 -6.12
CA PHE A 146 9.32 -1.89 -7.19
C PHE A 146 9.35 -0.57 -8.03
N ASP A 147 8.71 -0.60 -9.19
CA ASP A 147 8.53 0.63 -10.01
C ASP A 147 7.39 1.56 -9.50
N ASP A 148 6.62 1.16 -8.49
CA ASP A 148 5.53 1.96 -7.95
C ASP A 148 5.40 1.70 -6.44
N HIS A 149 4.78 2.63 -5.71
CA HIS A 149 4.51 2.51 -4.28
C HIS A 149 3.43 1.50 -3.93
N ASP A 150 2.52 1.21 -4.84
CA ASP A 150 1.33 0.45 -4.50
C ASP A 150 1.63 -1.02 -4.09
N PRO A 151 2.54 -1.69 -4.79
CA PRO A 151 2.97 -3.05 -4.37
C PRO A 151 3.46 -3.06 -2.91
N VAL A 152 4.21 -2.06 -2.49
CA VAL A 152 4.70 -1.95 -1.15
C VAL A 152 3.52 -1.77 -0.20
N ASP A 153 2.59 -0.90 -0.58
CA ASP A 153 1.43 -0.66 0.28
C ASP A 153 0.58 -1.89 0.44
N LYS A 154 0.38 -2.65 -0.62
CA LYS A 154 -0.39 -3.85 -0.58
C LYS A 154 0.29 -4.92 0.30
N ILE A 155 1.58 -5.08 0.07
CA ILE A 155 2.31 -6.16 0.76
C ILE A 155 2.27 -5.98 2.28
N VAL A 156 2.51 -4.78 2.73
CA VAL A 156 2.62 -4.49 4.16
C VAL A 156 1.29 -4.48 4.91
N LEU A 157 0.16 -4.60 4.21
CA LEU A 157 -1.13 -4.91 4.91
C LEU A 157 -1.01 -6.23 5.63
N GLN A 158 -0.17 -7.15 5.14
CA GLN A 158 0.11 -8.44 5.80
C GLN A 158 1.56 -8.43 6.34
N LYS A 159 1.72 -8.38 7.66
CA LYS A 159 3.06 -8.19 8.22
C LYS A 159 3.93 -9.44 8.00
N TYR A 160 3.35 -10.60 8.20
CA TYR A 160 4.04 -11.90 8.14
C TYR A 160 3.82 -12.70 6.91
N HIS A 161 4.92 -13.14 6.30
CA HIS A 161 4.93 -13.87 5.03
C HIS A 161 5.86 -15.05 5.18
N THR A 162 5.44 -16.23 4.78
CA THR A 162 6.40 -17.32 4.60
C THR A 162 7.19 -17.19 3.34
N ILE A 163 8.50 -17.02 3.47
CA ILE A 163 9.35 -16.81 2.32
C ILE A 163 10.51 -17.76 2.45
N ASN A 164 10.71 -18.61 1.44
CA ASN A 164 11.82 -19.56 1.40
C ASN A 164 11.86 -20.39 2.66
N GLY A 165 10.69 -20.81 3.09
CA GLY A 165 10.59 -21.64 4.32
C GLY A 165 10.79 -20.95 5.64
N HIS A 166 10.83 -19.62 5.64
CA HIS A 166 11.09 -18.85 6.82
C HIS A 166 9.88 -18.06 7.20
N ASN A 167 9.82 -17.71 8.48
CA ASN A 167 8.82 -16.80 8.99
C ASN A 167 9.30 -15.37 8.82
N ALA A 168 9.11 -14.86 7.62
CA ALA A 168 9.60 -13.55 7.26
C ALA A 168 8.65 -12.44 7.67
N GLU A 169 9.18 -11.22 7.58
CA GLU A 169 8.46 -10.04 7.96
C GLU A 169 8.78 -8.93 6.98
N VAL A 170 7.77 -8.15 6.63
CA VAL A 170 7.91 -7.02 5.67
C VAL A 170 7.69 -5.68 6.36
N ARG A 171 8.40 -4.65 5.93
CA ARG A 171 8.25 -3.27 6.42
C ARG A 171 8.46 -2.33 5.26
N LYS A 172 7.84 -1.17 5.31
CA LYS A 172 8.11 -0.17 4.29
C LYS A 172 9.53 0.31 4.56
N ALA A 173 10.35 0.47 3.55
CA ALA A 173 11.75 0.95 3.76
C ALA A 173 11.68 2.42 4.19
N LEU A 174 12.38 2.76 5.27
CA LEU A 174 12.41 4.12 5.83
C LEU A 174 13.87 4.57 5.82
N SER A 175 14.12 5.86 5.59
CA SER A 175 15.42 6.49 5.95
C SER A 175 15.53 6.46 7.47
N ARG A 176 16.71 6.68 8.05
CA ARG A 176 16.80 6.63 9.52
C ARG A 176 15.94 7.70 10.18
N GLN A 177 15.75 8.84 9.53
CA GLN A 177 14.93 9.87 10.13
C GLN A 177 13.43 9.51 10.18
N GLU A 178 12.89 8.92 9.11
CA GLU A 178 11.47 8.49 9.16
C GLU A 178 11.25 7.46 10.28
N MET A 179 12.31 6.69 10.60
CA MET A 179 12.28 5.72 11.69
C MET A 179 12.13 6.43 13.03
#